data_6RC6
#
_entry.id   6RC6
#
_cell.length_a   62.610
_cell.length_b   75.430
_cell.length_c   118.340
_cell.angle_alpha   90.000
_cell.angle_beta   90.000
_cell.angle_gamma   90.000
#
_symmetry.space_group_name_H-M   'I 2 2 2'
#
loop_
_entity.id
_entity.type
_entity.pdbx_description
1 polymer 'NAD kinase 1'
2 non-polymer 'CITRIC ACID'
3 non-polymer 3-[6-azanyl-9-[(2~{R})-oxan-2-yl]purin-8-yl]prop-2-yn-1-ol
4 water water
#
_entity_poly.entity_id   1
_entity_poly.type   'polypeptide(L)'
_entity_poly.pdbx_seq_one_letter_code
;MKYMITSKGDEKSDLLRLNMIAGFGEYDMEYDDVEPEIVISIGGDGTFLSAFHQYEERLDEIAFIGIHTGHLGFYADWRP
AEADKLVKLLAKGEYQKVSYPLLKTTVKYGIGKKEATYLALNESTVKSSGGPFVVDVVINDIHFERFRGDGLCMSTPSGT
TAYNKSLGGALMHPSIEAMQLTEMASINNRVYRTIGSPLVFPKHHVVSLQPVNDKDFQISVDHLSILHRDVQEIRYEVSA
KKIHFARFRSFPFWRRVHDSFIEDLEHHHHHH
;
_entity_poly.pdbx_strand_id   A
#
loop_
_chem_comp.id
_chem_comp.type
_chem_comp.name
_chem_comp.formula
CIT non-polymer 'CITRIC ACID' 'C6 H8 O7'
JY5 non-polymer 3-[6-azanyl-9-[(2~{R})-oxan-2-yl]purin-8-yl]prop-2-yn-1-ol 'C13 H15 N5 O2'
#
# COMPACT_ATOMS: atom_id res chain seq x y z
N MET A 1 -24.37 6.10 10.27
CA MET A 1 -23.52 6.49 9.16
C MET A 1 -23.69 5.54 7.98
N LYS A 2 -23.27 5.98 6.80
CA LYS A 2 -23.22 5.09 5.65
C LYS A 2 -22.03 4.15 5.78
N TYR A 3 -22.24 2.90 5.38
CA TYR A 3 -21.20 1.89 5.54
C TYR A 3 -21.36 0.81 4.47
N MET A 4 -20.30 0.04 4.26
CA MET A 4 -20.34 -1.12 3.39
C MET A 4 -19.33 -2.13 3.89
N ILE A 5 -19.52 -3.38 3.51
CA ILE A 5 -18.65 -4.48 3.91
C ILE A 5 -18.26 -5.28 2.68
N THR A 6 -16.96 -5.45 2.49
CA THR A 6 -16.43 -6.29 1.43
C THR A 6 -15.94 -7.61 2.04
N SER A 7 -16.05 -8.69 1.26
CA SER A 7 -15.75 -10.02 1.74
C SER A 7 -14.74 -10.71 0.83
N LYS A 8 -13.89 -11.54 1.44
CA LYS A 8 -12.97 -12.37 0.67
C LYS A 8 -13.69 -13.25 -0.34
N GLY A 9 -14.96 -13.55 -0.10
CA GLY A 9 -15.76 -14.35 -1.02
C GLY A 9 -15.97 -15.78 -0.58
N ASP A 10 -15.17 -16.27 0.37
CA ASP A 10 -15.36 -17.62 0.87
C ASP A 10 -16.55 -17.66 1.83
N GLU A 11 -16.88 -18.85 2.29
CA GLU A 11 -18.06 -19.05 3.14
C GLU A 11 -17.91 -18.34 4.48
N LYS A 12 -16.74 -18.44 5.11
CA LYS A 12 -16.55 -17.86 6.43
C LYS A 12 -16.75 -16.35 6.41
N SER A 13 -16.21 -15.68 5.40
CA SER A 13 -16.28 -14.22 5.35
C SER A 13 -17.65 -13.72 4.91
N ASP A 14 -18.35 -14.48 4.06
CA ASP A 14 -19.67 -14.07 3.64
C ASP A 14 -20.66 -14.13 4.80
N LEU A 15 -20.63 -15.20 5.60
CA LEU A 15 -21.53 -15.29 6.74
C LEU A 15 -21.21 -14.21 7.77
N LEU A 16 -19.91 -14.00 8.04
CA LEU A 16 -19.53 -12.92 8.95
C LEU A 16 -20.06 -11.58 8.46
N ARG A 17 -19.95 -11.32 7.16
CA ARG A 17 -20.49 -10.10 6.59
C ARG A 17 -22.00 -10.02 6.78
N LEU A 18 -22.70 -11.12 6.51
CA LEU A 18 -24.16 -11.11 6.67
C LEU A 18 -24.56 -10.90 8.13
N ASN A 19 -23.79 -11.42 9.09
CA ASN A 19 -24.14 -11.24 10.49
C ASN A 19 -23.91 -9.80 10.93
N MET A 20 -22.84 -9.17 10.47
CA MET A 20 -22.57 -7.78 10.85
C MET A 20 -23.61 -6.85 10.24
N ILE A 21 -24.00 -7.10 8.99
CA ILE A 21 -25.08 -6.32 8.38
C ILE A 21 -26.35 -6.43 9.22
N ALA A 22 -26.71 -7.65 9.60
CA ALA A 22 -27.88 -7.84 10.46
C ALA A 22 -27.72 -7.10 11.78
N GLY A 23 -26.52 -7.16 12.37
CA GLY A 23 -26.27 -6.39 13.58
C GLY A 23 -26.39 -4.90 13.35
N PHE A 24 -25.87 -4.41 12.22
CA PHE A 24 -26.00 -2.99 11.90
C PHE A 24 -27.45 -2.59 11.70
N GLY A 25 -28.30 -3.51 11.26
CA GLY A 25 -29.72 -3.21 11.12
C GLY A 25 -30.38 -2.81 12.42
N GLU A 26 -29.80 -3.20 13.55
CA GLU A 26 -30.31 -2.82 14.86
C GLU A 26 -29.86 -1.43 15.30
N TYR A 27 -29.19 -0.69 14.42
CA TYR A 27 -28.73 0.67 14.72
C TYR A 27 -29.06 1.58 13.54
N ASP A 28 -28.82 2.87 13.75
CA ASP A 28 -29.00 3.87 12.69
C ASP A 28 -27.78 3.84 11.78
N MET A 29 -27.75 2.83 10.90
CA MET A 29 -26.66 2.65 9.96
C MET A 29 -27.26 2.27 8.61
N GLU A 30 -26.82 2.94 7.56
CA GLU A 30 -27.34 2.73 6.21
C GLU A 30 -26.25 2.10 5.35
N TYR A 31 -26.53 0.92 4.81
CA TYR A 31 -25.59 0.29 3.88
C TYR A 31 -25.54 1.09 2.59
N ASP A 32 -24.35 1.51 2.20
CA ASP A 32 -24.14 2.24 0.95
C ASP A 32 -22.72 1.95 0.50
N ASP A 33 -22.56 1.26 -0.63
CA ASP A 33 -21.24 0.95 -1.16
C ASP A 33 -20.82 1.93 -2.26
N VAL A 34 -21.50 3.07 -2.36
CA VAL A 34 -21.13 4.13 -3.29
C VAL A 34 -20.46 5.30 -2.57
N GLU A 35 -21.10 5.82 -1.53
CA GLU A 35 -20.53 6.86 -0.67
C GLU A 35 -20.55 6.42 0.79
N PRO A 36 -19.84 5.35 1.14
CA PRO A 36 -19.75 4.98 2.55
C PRO A 36 -18.83 5.92 3.32
N GLU A 37 -19.06 5.99 4.63
CA GLU A 37 -18.13 6.64 5.53
C GLU A 37 -17.31 5.66 6.34
N ILE A 38 -17.79 4.43 6.51
CA ILE A 38 -17.07 3.36 7.20
C ILE A 38 -16.98 2.19 6.23
N VAL A 39 -15.77 1.75 5.93
CA VAL A 39 -15.55 0.62 5.03
C VAL A 39 -14.90 -0.50 5.82
N ILE A 40 -15.58 -1.64 5.88
CA ILE A 40 -15.12 -2.81 6.62
C ILE A 40 -14.69 -3.87 5.62
N SER A 41 -13.51 -4.43 5.82
CA SER A 41 -12.96 -5.50 5.00
C SER A 41 -12.88 -6.78 5.83
N ILE A 42 -13.34 -7.88 5.25
CA ILE A 42 -13.36 -9.18 5.92
C ILE A 42 -12.64 -10.17 5.03
N GLY A 43 -11.46 -10.61 5.46
CA GLY A 43 -10.64 -11.52 4.70
C GLY A 43 -9.21 -11.44 5.16
N GLY A 44 -8.31 -11.01 4.27
CA GLY A 44 -6.93 -10.80 4.63
C GLY A 44 -6.47 -9.41 4.22
N ASP A 45 -5.15 -9.18 4.22
CA ASP A 45 -4.65 -7.89 3.76
C ASP A 45 -4.95 -7.67 2.28
N GLY A 46 -5.05 -8.76 1.51
CA GLY A 46 -5.43 -8.62 0.12
C GLY A 46 -6.84 -8.09 -0.06
N THR A 47 -7.78 -8.59 0.76
CA THR A 47 -9.14 -8.06 0.73
C THR A 47 -9.16 -6.60 1.14
N PHE A 48 -8.39 -6.24 2.17
CA PHE A 48 -8.34 -4.85 2.61
C PHE A 48 -7.73 -3.97 1.52
N LEU A 49 -6.67 -4.46 0.86
CA LEU A 49 -6.06 -3.72 -0.24
C LEU A 49 -7.07 -3.41 -1.33
N SER A 50 -7.89 -4.40 -1.70
CA SER A 50 -8.91 -4.18 -2.72
C SER A 50 -9.93 -3.14 -2.27
N ALA A 51 -10.33 -3.19 -0.99
CA ALA A 51 -11.27 -2.20 -0.46
C ALA A 51 -10.67 -0.79 -0.50
N PHE A 52 -9.37 -0.68 -0.25
CA PHE A 52 -8.71 0.62 -0.30
C PHE A 52 -8.76 1.20 -1.71
N HIS A 53 -8.30 0.43 -2.71
CA HIS A 53 -8.26 0.92 -4.07
C HIS A 53 -9.64 1.08 -4.67
N GLN A 54 -10.63 0.36 -4.13
CA GLN A 54 -12.00 0.52 -4.58
C GLN A 54 -12.53 1.91 -4.27
N TYR A 55 -12.06 2.52 -3.18
CA TYR A 55 -12.58 3.79 -2.70
C TYR A 55 -11.48 4.84 -2.56
N GLU A 56 -10.45 4.77 -3.39
CA GLU A 56 -9.30 5.65 -3.17
C GLU A 56 -9.55 7.10 -3.61
N GLU A 57 -10.72 7.42 -4.14
CA GLU A 57 -11.06 8.79 -4.46
C GLU A 57 -11.89 9.47 -3.37
N ARG A 58 -12.17 8.77 -2.28
CA ARG A 58 -12.86 9.33 -1.12
C ARG A 58 -12.12 8.96 0.16
N LEU A 59 -10.79 8.98 0.11
CA LEU A 59 -10.00 8.60 1.28
C LEU A 59 -10.20 9.56 2.44
N ASP A 60 -10.43 10.84 2.17
CA ASP A 60 -10.66 11.80 3.23
C ASP A 60 -12.07 11.71 3.83
N GLU A 61 -12.94 10.90 3.23
CA GLU A 61 -14.31 10.74 3.72
C GLU A 61 -14.57 9.37 4.33
N ILE A 62 -13.54 8.51 4.46
CA ILE A 62 -13.73 7.11 4.81
C ILE A 62 -12.76 6.72 5.91
N ALA A 63 -13.24 5.92 6.86
CA ALA A 63 -12.41 5.27 7.87
C ALA A 63 -12.51 3.77 7.68
N PHE A 64 -11.37 3.10 7.49
CA PHE A 64 -11.33 1.68 7.19
C PHE A 64 -11.20 0.85 8.45
N ILE A 65 -11.69 -0.39 8.38
CA ILE A 65 -11.50 -1.41 9.41
C ILE A 65 -11.31 -2.76 8.72
N GLY A 66 -10.34 -3.53 9.20
CA GLY A 66 -10.11 -4.85 8.66
C GLY A 66 -10.35 -5.97 9.66
N ILE A 67 -11.05 -7.01 9.24
CA ILE A 67 -11.25 -8.22 10.04
C ILE A 67 -10.54 -9.36 9.33
N HIS A 68 -9.67 -10.07 10.05
CA HIS A 68 -8.93 -11.18 9.47
C HIS A 68 -9.63 -12.49 9.81
N THR A 69 -10.19 -13.15 8.79
CA THR A 69 -10.76 -14.46 8.96
C THR A 69 -9.71 -15.57 8.89
N GLY A 70 -8.52 -15.26 8.40
CA GLY A 70 -7.35 -16.12 8.50
C GLY A 70 -6.40 -15.61 9.56
N HIS A 71 -5.11 -15.74 9.28
CA HIS A 71 -4.10 -15.27 10.23
C HIS A 71 -4.18 -13.75 10.39
N LEU A 72 -3.48 -13.26 11.40
CA LEU A 72 -3.42 -11.82 11.65
C LEU A 72 -2.84 -11.09 10.45
N GLY A 73 -3.55 -10.07 9.99
CA GLY A 73 -3.05 -9.19 8.97
C GLY A 73 -2.58 -7.88 9.57
N PHE A 74 -1.78 -7.14 8.80
CA PHE A 74 -1.32 -5.84 9.29
C PHE A 74 -2.40 -4.77 9.15
N TYR A 75 -3.30 -4.93 8.19
CA TYR A 75 -4.44 -4.06 8.03
C TYR A 75 -5.73 -4.66 8.57
N ALA A 76 -5.92 -5.96 8.39
CA ALA A 76 -7.05 -6.68 8.98
C ALA A 76 -6.57 -7.25 10.29
N ASP A 77 -6.65 -6.46 11.36
CA ASP A 77 -6.04 -6.82 12.63
C ASP A 77 -7.06 -7.02 13.75
N TRP A 78 -8.31 -7.33 13.41
CA TRP A 78 -9.32 -7.64 14.42
C TRP A 78 -9.88 -9.04 14.14
N ARG A 79 -10.03 -9.83 15.19
CA ARG A 79 -10.47 -11.21 15.04
C ARG A 79 -11.98 -11.25 14.76
N PRO A 80 -12.45 -12.31 14.09
CA PRO A 80 -13.90 -12.41 13.82
C PRO A 80 -14.75 -12.40 15.07
N ALA A 81 -14.20 -12.84 16.21
CA ALA A 81 -14.96 -12.88 17.45
C ALA A 81 -15.31 -11.49 17.96
N GLU A 82 -14.57 -10.46 17.55
CA GLU A 82 -14.84 -9.09 17.95
C GLU A 82 -15.86 -8.40 17.06
N ALA A 83 -16.46 -9.12 16.10
CA ALA A 83 -17.35 -8.48 15.13
C ALA A 83 -18.55 -7.83 15.81
N ASP A 84 -19.19 -8.56 16.72
CA ASP A 84 -20.37 -8.02 17.39
C ASP A 84 -20.02 -6.79 18.21
N LYS A 85 -18.98 -6.88 19.04
CA LYS A 85 -18.51 -5.72 19.78
C LYS A 85 -18.04 -4.62 18.87
N LEU A 86 -17.63 -4.96 17.65
CA LEU A 86 -17.22 -3.99 16.64
C LEU A 86 -18.42 -3.28 16.03
N VAL A 87 -19.52 -4.01 15.84
CA VAL A 87 -20.74 -3.39 15.31
C VAL A 87 -21.25 -2.33 16.29
N LYS A 88 -21.22 -2.63 17.58
CA LYS A 88 -21.77 -1.71 18.58
C LYS A 88 -20.98 -0.42 18.63
N LEU A 89 -19.66 -0.50 18.65
CA LEU A 89 -18.85 0.71 18.80
C LEU A 89 -18.79 1.50 17.49
N LEU A 90 -18.81 0.81 16.35
CA LEU A 90 -18.97 1.51 15.07
C LEU A 90 -20.26 2.31 15.03
N ALA A 91 -21.30 1.84 15.73
CA ALA A 91 -22.60 2.50 15.67
C ALA A 91 -22.61 3.82 16.43
N LYS A 92 -22.02 3.85 17.63
CA LYS A 92 -22.00 5.06 18.45
C LYS A 92 -21.24 6.20 17.77
N TYR A 95 -15.64 7.24 17.87
CA TYR A 95 -14.35 6.56 17.79
C TYR A 95 -13.25 7.48 17.29
N GLN A 96 -12.00 7.08 17.54
CA GLN A 96 -10.85 7.84 17.07
C GLN A 96 -10.44 7.37 15.68
N LYS A 97 -9.59 8.17 15.04
CA LYS A 97 -9.04 7.85 13.73
C LYS A 97 -7.53 7.98 13.77
N VAL A 98 -6.84 7.05 13.11
CA VAL A 98 -5.39 7.13 12.92
C VAL A 98 -5.12 7.07 11.42
N SER A 99 -4.11 7.81 10.99
CA SER A 99 -3.80 7.99 9.57
C SER A 99 -2.41 7.49 9.26
N TYR A 100 -2.29 6.72 8.19
CA TYR A 100 -1.03 6.22 7.67
C TYR A 100 -0.68 6.93 6.35
N PRO A 101 0.59 7.14 6.07
CA PRO A 101 0.98 7.81 4.82
C PRO A 101 0.87 6.86 3.63
N LEU A 102 0.74 7.47 2.45
CA LEU A 102 0.61 6.75 1.20
C LEU A 102 1.71 7.18 0.23
N LEU A 103 1.93 6.36 -0.79
CA LEU A 103 2.94 6.59 -1.81
C LEU A 103 2.28 6.91 -3.14
N LYS A 104 2.73 7.98 -3.79
CA LYS A 104 2.25 8.38 -5.09
C LYS A 104 3.27 8.03 -6.16
N THR A 105 2.81 7.36 -7.21
CA THR A 105 3.63 7.02 -8.37
C THR A 105 3.09 7.76 -9.58
N THR A 106 3.96 8.46 -10.29
CA THR A 106 3.60 9.15 -11.52
C THR A 106 4.36 8.52 -12.68
N VAL A 107 3.63 8.10 -13.71
CA VAL A 107 4.22 7.51 -14.90
C VAL A 107 3.98 8.46 -16.06
N LYS A 108 5.07 8.93 -16.68
CA LYS A 108 5.01 9.79 -17.84
C LYS A 108 5.45 9.02 -19.09
N TYR A 109 4.83 9.35 -20.22
CA TYR A 109 5.06 8.66 -21.49
C TYR A 109 5.40 9.67 -22.58
N GLY A 110 5.71 9.16 -23.76
CA GLY A 110 5.86 9.99 -24.93
C GLY A 110 4.51 10.41 -25.50
N ILE A 111 4.58 11.16 -26.60
CA ILE A 111 3.38 11.70 -27.23
C ILE A 111 2.42 10.58 -27.58
N GLY A 112 1.14 10.76 -27.24
CA GLY A 112 0.11 9.76 -27.47
C GLY A 112 -0.58 9.30 -26.19
N LYS A 113 0.12 9.40 -25.06
CA LYS A 113 -0.42 8.96 -23.78
C LYS A 113 -0.18 10.01 -22.71
N LYS A 114 -1.19 10.22 -21.87
CA LYS A 114 -1.15 11.19 -20.80
C LYS A 114 -0.53 10.59 -19.54
N GLU A 115 0.11 11.45 -18.75
CA GLU A 115 0.67 11.04 -17.47
C GLU A 115 -0.39 10.39 -16.59
N ALA A 116 -0.05 9.25 -16.01
CA ALA A 116 -0.95 8.50 -15.12
C ALA A 116 -0.34 8.43 -13.73
N THR A 117 -1.19 8.60 -12.71
CA THR A 117 -0.75 8.58 -11.32
C THR A 117 -1.46 7.48 -10.57
N TYR A 118 -0.74 6.85 -9.64
CA TYR A 118 -1.28 5.75 -8.85
C TYR A 118 -0.96 5.98 -7.38
N LEU A 119 -1.85 5.52 -6.52
CA LEU A 119 -1.70 5.58 -5.08
C LEU A 119 -1.45 4.17 -4.57
N ALA A 120 -0.47 4.01 -3.69
CA ALA A 120 -0.13 2.72 -3.13
C ALA A 120 -0.26 2.76 -1.61
N LEU A 121 -0.82 1.71 -1.04
CA LEU A 121 -0.84 1.54 0.40
C LEU A 121 0.35 0.70 0.88
N ASN A 122 0.78 -0.27 0.08
CA ASN A 122 1.93 -1.09 0.44
C ASN A 122 3.18 -0.59 -0.30
N GLU A 123 3.26 -0.79 -1.61
CA GLU A 123 4.48 -0.45 -2.33
C GLU A 123 4.21 -0.35 -3.83
N SER A 124 5.17 0.25 -4.54
CA SER A 124 5.15 0.33 -5.98
C SER A 124 6.50 -0.17 -6.49
N THR A 125 6.49 -1.17 -7.35
CA THR A 125 7.72 -1.76 -7.86
C THR A 125 7.81 -1.56 -9.37
N VAL A 126 9.04 -1.53 -9.87
CA VAL A 126 9.32 -1.48 -11.29
C VAL A 126 10.26 -2.61 -11.65
N LYS A 127 9.90 -3.39 -12.66
CA LYS A 127 10.76 -4.37 -13.28
C LYS A 127 10.82 -4.09 -14.78
N SER A 128 11.72 -4.80 -15.45
CA SER A 128 11.76 -4.74 -16.90
C SER A 128 10.65 -5.60 -17.49
N SER A 129 10.45 -5.45 -18.79
CA SER A 129 9.54 -6.29 -19.57
C SER A 129 10.39 -7.11 -20.52
N GLY A 130 10.82 -8.28 -20.06
CA GLY A 130 11.64 -9.16 -20.86
C GLY A 130 13.13 -8.89 -20.76
N GLY A 131 13.56 -7.72 -21.24
CA GLY A 131 14.96 -7.39 -21.32
C GLY A 131 15.59 -7.08 -19.97
N PRO A 132 16.78 -6.52 -19.99
CA PRO A 132 17.44 -6.12 -18.74
C PRO A 132 16.89 -4.81 -18.21
N PHE A 133 16.88 -4.70 -16.89
CA PHE A 133 16.40 -3.50 -16.21
C PHE A 133 17.58 -2.60 -15.93
N VAL A 134 17.62 -1.44 -16.60
CA VAL A 134 18.62 -0.40 -16.34
C VAL A 134 17.89 0.93 -16.28
N VAL A 135 18.04 1.65 -15.16
CA VAL A 135 17.44 2.97 -15.00
C VAL A 135 18.42 3.88 -14.29
N ASP A 136 18.36 5.16 -14.63
CA ASP A 136 19.06 6.20 -13.88
C ASP A 136 18.16 6.67 -12.74
N VAL A 137 18.69 6.62 -11.53
CA VAL A 137 17.94 7.03 -10.34
C VAL A 137 18.31 8.47 -10.03
N VAL A 138 17.30 9.34 -10.03
CA VAL A 138 17.48 10.77 -9.85
C VAL A 138 16.72 11.19 -8.60
N ILE A 139 17.41 11.89 -7.70
CA ILE A 139 16.86 12.29 -6.41
C ILE A 139 16.84 13.81 -6.34
N ASN A 140 15.65 14.40 -6.37
CA ASN A 140 15.48 15.85 -6.35
C ASN A 140 16.33 16.50 -7.44
N ASP A 141 16.27 15.91 -8.63
CA ASP A 141 16.96 16.33 -9.85
C ASP A 141 18.46 16.03 -9.82
N ILE A 142 18.97 15.42 -8.75
CA ILE A 142 20.37 15.03 -8.66
C ILE A 142 20.51 13.59 -9.14
N HIS A 143 21.37 13.36 -10.13
CA HIS A 143 21.62 12.00 -10.59
CA HIS A 143 21.63 12.01 -10.60
C HIS A 143 22.39 11.24 -9.53
N PHE A 144 21.74 10.22 -8.94
CA PHE A 144 22.32 9.50 -7.82
C PHE A 144 23.07 8.24 -8.26
N GLU A 145 22.49 7.46 -9.17
CA GLU A 145 23.09 6.19 -9.54
C GLU A 145 22.41 5.68 -10.81
N ARG A 146 23.11 4.79 -11.50
CA ARG A 146 22.53 4.02 -12.59
C ARG A 146 22.32 2.60 -12.08
N PHE A 147 21.06 2.20 -11.94
CA PHE A 147 20.72 0.90 -11.37
C PHE A 147 20.59 -0.15 -12.46
N ARG A 148 21.28 -1.28 -12.26
CA ARG A 148 21.12 -2.48 -13.08
C ARG A 148 20.76 -3.63 -12.17
N GLY A 149 19.72 -4.38 -12.54
CA GLY A 149 19.29 -5.49 -11.69
C GLY A 149 17.92 -5.99 -12.10
N ASP A 150 17.21 -6.58 -11.13
CA ASP A 150 15.87 -7.07 -11.40
C ASP A 150 14.84 -5.94 -11.33
N GLY A 151 15.02 -4.99 -10.43
CA GLY A 151 14.08 -3.89 -10.31
C GLY A 151 14.24 -3.19 -8.98
N LEU A 152 13.32 -2.25 -8.74
CA LEU A 152 13.32 -1.41 -7.55
C LEU A 152 11.94 -1.45 -6.92
N CYS A 153 11.89 -1.25 -5.60
CA CYS A 153 10.66 -1.25 -4.83
C CYS A 153 10.63 -0.02 -3.94
N MET A 154 9.60 0.81 -4.10
CA MET A 154 9.37 1.96 -3.23
C MET A 154 8.20 1.63 -2.31
N SER A 155 8.42 1.74 -1.01
CA SER A 155 7.48 1.25 -0.02
C SER A 155 6.98 2.38 0.88
N THR A 156 5.72 2.29 1.26
CA THR A 156 5.14 3.11 2.31
C THR A 156 5.65 2.62 3.66
N PRO A 157 5.44 3.39 4.73
CA PRO A 157 5.81 2.88 6.07
C PRO A 157 5.07 1.61 6.45
N SER A 158 3.75 1.58 6.30
CA SER A 158 3.01 0.36 6.62
C SER A 158 3.30 -0.75 5.62
N GLY A 159 3.80 -0.42 4.44
CA GLY A 159 4.23 -1.43 3.51
C GLY A 159 5.59 -2.03 3.81
N THR A 160 6.33 -1.49 4.78
CA THR A 160 7.67 -1.99 5.03
C THR A 160 7.67 -3.43 5.55
N THR A 161 6.56 -3.89 6.13
CA THR A 161 6.48 -5.28 6.59
C THR A 161 6.12 -6.25 5.47
N ALA A 162 5.82 -5.76 4.29
CA ALA A 162 5.39 -6.59 3.16
C ALA A 162 6.60 -6.83 2.25
N TYR A 163 6.49 -6.59 0.94
CA TYR A 163 7.57 -6.92 0.03
C TYR A 163 8.88 -6.21 0.36
N ASN A 164 8.82 -4.96 0.86
CA ASN A 164 10.01 -4.26 1.33
C ASN A 164 10.83 -5.12 2.29
N LYS A 165 10.17 -5.79 3.23
CA LYS A 165 10.88 -6.59 4.21
C LYS A 165 11.62 -7.75 3.55
N SER A 166 11.00 -8.37 2.55
CA SER A 166 11.62 -9.50 1.87
C SER A 166 12.88 -9.11 1.10
N LEU A 167 13.04 -7.84 0.75
CA LEU A 167 14.19 -7.37 0.01
C LEU A 167 15.27 -6.80 0.93
N GLY A 168 15.18 -7.03 2.23
CA GLY A 168 16.14 -6.48 3.16
C GLY A 168 15.85 -5.08 3.65
N GLY A 169 14.71 -4.50 3.30
CA GLY A 169 14.36 -3.18 3.77
C GLY A 169 14.14 -3.13 5.28
N ALA A 170 14.11 -1.91 5.80
CA ALA A 170 13.86 -1.69 7.21
C ALA A 170 12.37 -1.53 7.45
N LEU A 171 11.95 -1.88 8.67
CA LEU A 171 10.58 -1.64 9.12
C LEU A 171 10.50 -0.27 9.75
N MET A 172 9.58 0.55 9.25
CA MET A 172 9.38 1.90 9.75
C MET A 172 8.02 2.02 10.42
N HIS A 173 8.00 2.68 11.58
CA HIS A 173 6.72 2.94 12.22
C HIS A 173 5.88 3.85 11.34
N PRO A 174 4.60 3.54 11.16
CA PRO A 174 3.79 4.29 10.18
C PRO A 174 3.56 5.75 10.54
N SER A 175 3.93 6.19 11.74
CA SER A 175 3.83 7.62 12.04
C SER A 175 4.88 8.45 11.30
N ILE A 176 5.90 7.81 10.73
CA ILE A 176 6.96 8.54 10.02
C ILE A 176 6.51 8.77 8.59
N GLU A 177 6.36 10.04 8.20
CA GLU A 177 5.92 10.35 6.85
C GLU A 177 7.12 10.20 5.92
N ALA A 178 7.23 9.03 5.29
CA ALA A 178 8.40 8.73 4.47
C ALA A 178 8.05 7.63 3.48
N MET A 179 9.03 7.31 2.64
CA MET A 179 8.98 6.20 1.70
C MET A 179 10.37 5.58 1.65
N GLN A 180 10.42 4.29 1.29
CA GLN A 180 11.66 3.54 1.34
C GLN A 180 11.87 2.81 0.02
N LEU A 181 13.02 3.06 -0.60
CA LEU A 181 13.41 2.44 -1.86
C LEU A 181 14.36 1.28 -1.58
N THR A 182 14.02 0.11 -2.11
CA THR A 182 14.89 -1.05 -1.98
C THR A 182 15.24 -1.60 -3.34
N GLU A 183 16.36 -2.29 -3.39
CA GLU A 183 16.90 -2.87 -4.61
C GLU A 183 16.49 -4.33 -4.74
N MET A 184 16.34 -4.78 -5.98
CA MET A 184 16.06 -6.17 -6.29
C MET A 184 17.23 -6.71 -7.10
N ALA A 185 18.07 -7.53 -6.47
CA ALA A 185 19.21 -8.20 -7.08
C ALA A 185 20.03 -7.21 -7.93
N SER A 186 20.69 -6.31 -7.22
CA SER A 186 21.59 -5.34 -7.84
C SER A 186 22.78 -6.04 -8.47
N ILE A 187 23.23 -5.52 -9.59
CA ILE A 187 24.49 -5.91 -10.20
C ILE A 187 25.55 -4.93 -9.74
N ASN A 188 26.56 -5.42 -9.04
CA ASN A 188 27.65 -4.59 -8.53
C ASN A 188 28.98 -5.25 -8.86
N ASN A 189 29.77 -4.59 -9.70
CA ASN A 189 31.13 -5.02 -9.98
C ASN A 189 31.98 -3.75 -10.06
N ARG A 190 33.11 -3.84 -10.76
CA ARG A 190 34.00 -2.67 -10.86
C ARG A 190 33.43 -1.59 -11.78
N VAL A 191 32.52 -1.96 -12.68
CA VAL A 191 31.97 -1.02 -13.64
C VAL A 191 30.53 -0.62 -13.32
N TYR A 192 29.76 -1.46 -12.63
CA TYR A 192 28.39 -1.16 -12.25
C TYR A 192 28.30 -0.99 -10.74
N ARG A 193 27.74 0.13 -10.29
CA ARG A 193 27.70 0.49 -8.88
C ARG A 193 26.33 0.97 -8.49
N THR A 194 25.74 0.35 -7.47
CA THR A 194 24.54 0.86 -6.82
C THR A 194 24.85 1.12 -5.36
N ILE A 195 23.94 1.80 -4.68
CA ILE A 195 24.19 2.09 -3.27
C ILE A 195 24.06 0.82 -2.43
N GLY A 196 23.27 -0.15 -2.89
CA GLY A 196 23.05 -1.37 -2.12
C GLY A 196 22.11 -1.21 -0.96
N SER A 197 22.40 -0.27 -0.06
CA SER A 197 21.58 -0.06 1.10
C SER A 197 20.19 0.45 0.71
N PRO A 198 19.17 0.14 1.52
CA PRO A 198 17.88 0.81 1.35
C PRO A 198 17.99 2.29 1.61
N LEU A 199 17.13 3.06 0.96
CA LEU A 199 17.10 4.52 1.10
C LEU A 199 15.73 4.94 1.62
N VAL A 200 15.72 5.79 2.64
CA VAL A 200 14.49 6.30 3.26
C VAL A 200 14.40 7.79 2.96
N PHE A 201 13.29 8.20 2.35
CA PHE A 201 13.09 9.56 1.88
C PHE A 201 12.00 10.27 2.68
N PRO A 202 12.20 11.52 3.04
CA PRO A 202 11.18 12.27 3.75
C PRO A 202 10.12 12.81 2.79
N LYS A 203 9.11 13.47 3.37
CA LYS A 203 8.14 14.20 2.57
C LYS A 203 8.85 15.22 1.68
N HIS A 204 8.36 15.34 0.44
CA HIS A 204 8.73 16.34 -0.55
C HIS A 204 10.02 16.01 -1.30
N HIS A 205 10.65 14.87 -1.02
CA HIS A 205 11.74 14.40 -1.86
C HIS A 205 11.16 13.58 -3.01
N VAL A 206 11.59 13.91 -4.23
CA VAL A 206 11.10 13.25 -5.43
C VAL A 206 12.19 12.31 -5.93
N VAL A 207 11.86 11.02 -6.01
CA VAL A 207 12.74 10.03 -6.60
C VAL A 207 12.23 9.73 -8.00
N SER A 208 13.11 9.83 -8.99
CA SER A 208 12.73 9.75 -10.39
C SER A 208 13.57 8.70 -11.08
N LEU A 209 12.91 7.69 -11.66
CA LEU A 209 13.58 6.68 -12.46
C LEU A 209 13.48 7.07 -13.94
N GLN A 210 14.62 7.07 -14.63
CA GLN A 210 14.66 7.47 -16.02
C GLN A 210 15.28 6.36 -16.85
N PRO A 211 14.59 5.86 -17.89
CA PRO A 211 15.14 4.78 -18.70
C PRO A 211 16.42 5.19 -19.41
N VAL A 212 17.26 4.20 -19.68
CA VAL A 212 18.47 4.41 -20.44
C VAL A 212 18.41 3.76 -21.82
N ASN A 213 17.65 2.67 -21.98
CA ASN A 213 17.50 2.02 -23.28
C ASN A 213 16.06 1.58 -23.49
N ASP A 214 15.69 0.44 -22.93
CA ASP A 214 14.30 0.00 -23.00
C ASP A 214 13.41 0.97 -22.24
N LYS A 215 12.25 1.28 -22.83
CA LYS A 215 11.27 2.16 -22.23
C LYS A 215 10.02 1.42 -21.79
N ASP A 216 10.05 0.09 -21.77
CA ASP A 216 8.90 -0.72 -21.35
C ASP A 216 9.21 -1.33 -19.98
N PHE A 217 8.31 -1.10 -19.02
CA PHE A 217 8.49 -1.57 -17.66
C PHE A 217 7.20 -2.19 -17.14
N GLN A 218 7.35 -3.22 -16.30
CA GLN A 218 6.22 -3.80 -15.58
C GLN A 218 6.14 -3.09 -14.23
N ILE A 219 5.10 -2.31 -14.03
CA ILE A 219 4.93 -1.52 -12.81
C ILE A 219 3.79 -2.12 -11.99
N SER A 220 4.08 -2.42 -10.73
CA SER A 220 3.11 -3.00 -9.83
C SER A 220 2.83 -2.04 -8.68
N VAL A 221 1.57 -1.69 -8.49
CA VAL A 221 1.11 -0.89 -7.36
C VAL A 221 0.27 -1.81 -6.49
N ASP A 222 0.81 -2.16 -5.31
CA ASP A 222 0.20 -3.13 -4.40
C ASP A 222 0.05 -4.44 -5.15
N HIS A 223 -1.16 -4.96 -5.35
CA HIS A 223 -1.36 -6.23 -6.03
C HIS A 223 -1.30 -6.06 -7.55
N LEU A 224 -1.81 -4.95 -8.07
CA LEU A 224 -1.98 -4.74 -9.49
C LEU A 224 -0.64 -4.52 -10.18
N SER A 225 -0.39 -5.25 -11.26
CA SER A 225 0.82 -5.12 -12.07
C SER A 225 0.42 -4.83 -13.52
N ILE A 226 0.91 -3.71 -14.05
CA ILE A 226 0.60 -3.24 -15.40
C ILE A 226 1.88 -3.16 -16.20
N LEU A 227 1.79 -3.49 -17.48
CA LEU A 227 2.86 -3.23 -18.43
C LEU A 227 2.68 -1.82 -19.00
N HIS A 228 3.65 -0.95 -18.75
CA HIS A 228 3.64 0.39 -19.32
C HIS A 228 4.65 0.46 -20.46
N ARG A 229 4.25 1.10 -21.55
CA ARG A 229 5.08 1.18 -22.74
C ARG A 229 5.44 2.63 -23.04
N ASP A 230 6.64 2.81 -23.61
CA ASP A 230 7.16 4.12 -24.00
C ASP A 230 7.18 5.06 -22.79
N VAL A 231 7.79 4.60 -21.71
CA VAL A 231 7.88 5.38 -20.47
C VAL A 231 9.04 6.35 -20.57
N GLN A 232 8.79 7.60 -20.18
CA GLN A 232 9.83 8.62 -20.11
C GLN A 232 10.32 8.86 -18.69
N GLU A 233 9.49 8.58 -17.68
CA GLU A 233 9.88 8.86 -16.31
C GLU A 233 8.91 8.16 -15.37
N ILE A 234 9.43 7.69 -14.23
CA ILE A 234 8.65 7.19 -13.11
C ILE A 234 9.03 8.01 -11.89
N ARG A 235 8.05 8.63 -11.25
CA ARG A 235 8.30 9.55 -10.15
C ARG A 235 7.64 9.04 -8.87
N TYR A 236 8.42 9.00 -7.80
CA TYR A 236 7.95 8.58 -6.48
C TYR A 236 8.02 9.73 -5.50
N GLU A 237 7.00 9.84 -4.66
CA GLU A 237 6.99 10.82 -3.58
C GLU A 237 5.92 10.43 -2.59
N VAL A 238 6.10 10.85 -1.33
CA VAL A 238 5.08 10.63 -0.32
C VAL A 238 3.82 11.39 -0.73
N SER A 239 2.70 10.69 -0.74
CA SER A 239 1.44 11.30 -1.14
C SER A 239 1.00 12.34 -0.13
N ALA A 240 0.26 13.34 -0.62
CA ALA A 240 -0.42 14.26 0.27
C ALA A 240 -1.67 13.66 0.89
N LYS A 241 -2.24 12.64 0.25
CA LYS A 241 -3.39 11.95 0.81
C LYS A 241 -2.95 10.94 1.86
N LYS A 242 -3.82 10.68 2.83
CA LYS A 242 -3.56 9.70 3.86
C LYS A 242 -4.75 8.77 3.97
N ILE A 243 -4.51 7.55 4.42
CA ILE A 243 -5.57 6.59 4.67
C ILE A 243 -5.96 6.68 6.14
N HIS A 244 -7.26 6.59 6.42
CA HIS A 244 -7.77 6.76 7.76
C HIS A 244 -8.33 5.43 8.28
N PHE A 245 -7.89 5.03 9.46
CA PHE A 245 -8.37 3.84 10.14
C PHE A 245 -9.22 4.23 11.33
N ALA A 246 -10.37 3.57 11.48
CA ALA A 246 -11.15 3.69 12.71
C ALA A 246 -10.48 2.87 13.81
N ARG A 247 -10.19 3.52 14.93
CA ARG A 247 -9.45 2.92 16.03
C ARG A 247 -10.40 2.61 17.18
N PHE A 248 -10.53 1.32 17.51
CA PHE A 248 -11.41 0.91 18.59
C PHE A 248 -10.69 0.31 19.78
N ARG A 249 -9.37 0.21 19.74
CA ARG A 249 -8.56 -0.26 20.85
C ARG A 249 -7.11 0.04 20.51
N SER A 250 -6.24 -0.08 21.50
CA SER A 250 -4.81 0.07 21.28
C SER A 250 -4.25 -1.24 20.74
N PHE A 251 -3.74 -1.20 19.51
CA PHE A 251 -3.02 -2.32 18.91
C PHE A 251 -1.75 -1.72 18.30
N PRO A 252 -0.70 -1.57 19.10
CA PRO A 252 0.49 -0.86 18.63
C PRO A 252 1.12 -1.57 17.43
N PHE A 253 1.66 -0.75 16.52
CA PHE A 253 2.31 -1.28 15.32
C PHE A 253 3.43 -2.26 15.68
N TRP A 254 4.26 -1.92 16.67
CA TRP A 254 5.35 -2.81 17.04
C TRP A 254 4.84 -4.12 17.63
N ARG A 255 3.68 -4.11 18.29
CA ARG A 255 3.09 -5.37 18.72
C ARG A 255 2.53 -6.14 17.53
N ARG A 256 1.92 -5.44 16.57
CA ARG A 256 1.48 -6.08 15.34
C ARG A 256 2.65 -6.74 14.62
N VAL A 257 3.82 -6.08 14.62
CA VAL A 257 5.02 -6.67 14.03
C VAL A 257 5.44 -7.90 14.81
N HIS A 258 5.48 -7.78 16.15
CA HIS A 258 5.84 -8.91 16.99
C HIS A 258 4.94 -10.10 16.74
N ASP A 259 3.62 -9.86 16.72
CA ASP A 259 2.66 -10.94 16.57
C ASP A 259 2.79 -11.62 15.21
N SER A 260 3.12 -10.88 14.16
CA SER A 260 3.16 -11.46 12.82
C SER A 260 4.47 -12.18 12.53
N PHE A 261 5.57 -11.76 13.15
CA PHE A 261 6.89 -12.28 12.80
C PHE A 261 7.61 -12.99 13.93
N ILE A 262 7.39 -12.61 15.19
CA ILE A 262 8.08 -13.28 16.29
C ILE A 262 7.22 -14.43 16.82
N GLU A 263 6.03 -14.12 17.33
CA GLU A 263 5.17 -15.16 17.90
C GLU A 263 3.84 -14.53 18.30
N ASP A 264 2.82 -15.37 18.40
CA ASP A 264 1.53 -14.94 18.92
C ASP A 264 0.90 -16.09 19.70
C1 CIT B . 1.06 2.82 17.51
O1 CIT B . 1.64 1.94 16.85
O2 CIT B . 1.54 3.13 18.63
C2 CIT B . -0.19 3.52 17.02
C3 CIT B . -1.24 2.60 16.41
O7 CIT B . -1.57 1.53 17.34
C4 CIT B . -2.52 3.36 16.06
C5 CIT B . -3.30 3.69 17.32
O3 CIT B . -3.15 4.79 17.89
O4 CIT B . -4.11 2.86 17.79
C6 CIT B . -0.72 1.96 15.14
O5 CIT B . -0.30 2.68 14.20
O6 CIT B . -0.67 0.71 15.02
CAQ JY5 C . -0.42 -8.41 1.42
CAR JY5 C . -1.11 -8.76 0.48
CAS JY5 C . -1.95 -9.17 -0.65
C2 JY5 C . 3.08 -7.30 5.96
C4 JY5 C . 1.76 -7.96 4.18
C5 JY5 C . 1.25 -6.69 4.03
C6 JY5 C . 1.67 -5.67 4.87
C8 JY5 C . 0.38 -7.99 2.53
CAK JY5 C . 1.54 -10.17 3.13
CAL JY5 C . 0.41 -11.02 3.72
CAM JY5 C . 0.77 -12.49 3.57
CAN JY5 C . 0.94 -12.80 2.09
CAO JY5 C . 2.06 -11.91 1.56
N1 JY5 C . 2.60 -5.98 5.86
N3 JY5 C . 2.66 -8.24 5.13
N6 JY5 C . 1.20 -4.43 4.76
N7 JY5 C . 0.40 -6.73 3.00
N9 JY5 C . 1.21 -8.73 3.25
OAP JY5 C . 1.75 -10.51 1.74
OAT JY5 C . -1.45 -8.59 -1.85
#